data_7AEO
#
_entry.id   7AEO
#
_cell.length_a   166.830
_cell.length_b   166.830
_cell.length_c   143.840
_cell.angle_alpha   90.000
_cell.angle_beta   90.000
_cell.angle_gamma   90.000
#
_symmetry.space_group_name_H-M   'I 41 2 2'
#
loop_
_entity.id
_entity.type
_entity.pdbx_description
1 polymer 'Poly [ADP-ribose] polymerase 2'
2 polymer DNA
3 polymer DNA
4 non-polymer 'SULFATE ION'
#
loop_
_entity_poly.entity_id
_entity_poly.type
_entity_poly.pdbx_seq_one_letter_code
_entity_poly.pdbx_strand_id
1 'polypeptide(L)'
;SMGKAPVDPECTAKVGKAHVYCEGNDVYDVMLNQTNLQFNNNKYYLIQLLEDDAQRNFSVWMRWGRVGKMGQHSLVACSG
NLNKAKEIFQKKFLDKTKNNWEDREKFEKVPGKYDMLQMDYATNTQDEEETKKEESLKSPLKPESQLDLRVQELIKLICN
VQAMEEMMMEMKYNTKKAPLGKLTVAQIKAGYQSLKKIEDCIRAGQHGRALMEACNEFYTRIPHDFGLRTPPLIRTQKEL
SEKIQLLEALGDIEIAIKLVKTELQSPEHPLDQHYRNLHCALRPLDHESYEFKVISQYLQSTHAPTHSDYTMTLLDLFEV
EKDGEKEAFREDLHNRMLLWHGSRMSNWVGILSHGLRIAPPEAPITGYMFGKGIYFADMSSKSANYCFASRLKNTGLLLL
SEVALGQCNELLEANPKAEGLLQGKHSTKGLGKMAPSSAHFVTLNGSTVPLGPASDTGILNPDGYTLNYNEYIVYNPNQV
RMRYLLKVQFNFLQLW
;
A
2 'polydeoxyribonucleotide' (DT)(DG)(DT)(DG)(DC)(DT)(DC)(DC)(DG)(DG)(DG)(DT)(DC)(DG)(DT)(DC) B
3 'polydeoxyribonucleotide' (DG)(DA)(DC)(DG)(DA)(DC)(DC)(DC)(DG)(DG)(DA)(DG)(DC)(DA)(DC)(DA) C
#
# COMPACT_ATOMS: atom_id res chain seq x y z
N LYS A 4 0.78 16.68 -36.09
CA LYS A 4 0.88 15.54 -35.18
C LYS A 4 -0.04 15.70 -33.97
N ALA A 5 -0.41 16.95 -33.65
CA ALA A 5 -1.39 17.20 -32.59
C ALA A 5 -2.75 17.41 -33.22
N PRO A 6 -3.76 16.61 -32.89
CA PRO A 6 -5.01 16.66 -33.65
C PRO A 6 -5.84 17.88 -33.32
N VAL A 7 -6.59 18.34 -34.31
CA VAL A 7 -7.60 19.35 -34.07
C VAL A 7 -8.71 18.73 -33.23
N ASP A 8 -9.02 19.36 -32.09
CA ASP A 8 -9.98 18.82 -31.15
C ASP A 8 -11.23 18.32 -31.89
N PRO A 9 -11.52 17.02 -31.86
CA PRO A 9 -12.64 16.51 -32.66
C PRO A 9 -13.96 17.20 -32.34
N GLU A 10 -14.01 17.89 -31.21
CA GLU A 10 -15.22 18.58 -30.80
C GLU A 10 -15.40 19.93 -31.49
N CYS A 11 -14.41 20.40 -32.25
CA CYS A 11 -14.55 21.61 -33.04
C CYS A 11 -15.15 21.21 -34.39
N THR A 12 -16.48 21.18 -34.46
CA THR A 12 -17.18 20.70 -35.64
C THR A 12 -16.90 21.54 -36.87
N ALA A 13 -16.33 22.74 -36.72
CA ALA A 13 -16.18 23.67 -37.82
C ALA A 13 -14.82 23.59 -38.51
N LYS A 14 -13.82 22.96 -37.89
CA LYS A 14 -12.47 22.93 -38.44
C LYS A 14 -11.88 21.52 -38.43
N VAL A 15 -12.70 20.49 -38.25
CA VAL A 15 -12.20 19.12 -38.15
C VAL A 15 -11.86 18.63 -39.56
N GLY A 16 -10.61 18.23 -39.76
CA GLY A 16 -10.17 17.75 -41.05
C GLY A 16 -9.88 18.86 -42.03
N LYS A 17 -10.70 19.91 -42.01
CA LYS A 17 -10.53 21.06 -42.89
C LYS A 17 -9.49 22.06 -42.38
N ALA A 18 -8.65 21.68 -41.41
CA ALA A 18 -7.64 22.58 -40.87
C ALA A 18 -6.69 21.78 -40.00
N HIS A 19 -5.69 22.47 -39.46
CA HIS A 19 -4.61 21.84 -38.71
C HIS A 19 -4.18 22.76 -37.58
N VAL A 20 -3.53 22.16 -36.58
CA VAL A 20 -3.02 22.92 -35.44
C VAL A 20 -1.76 23.64 -35.87
N TYR A 21 -1.85 24.96 -36.02
CA TYR A 21 -0.67 25.74 -36.38
C TYR A 21 0.48 25.45 -35.42
N CYS A 22 1.69 25.48 -35.97
CA CYS A 22 2.89 25.19 -35.20
C CYS A 22 4.05 25.96 -35.82
N GLU A 23 4.99 26.39 -34.97
CA GLU A 23 6.12 27.23 -35.39
C GLU A 23 7.37 26.72 -34.69
N GLY A 24 8.30 26.17 -35.46
CA GLY A 24 9.50 25.61 -34.87
C GLY A 24 9.17 24.49 -33.91
N ASN A 25 9.87 24.47 -32.78
CA ASN A 25 9.64 23.47 -31.73
C ASN A 25 8.47 23.83 -30.82
N ASP A 26 7.73 24.88 -31.15
CA ASP A 26 6.67 25.40 -30.31
C ASP A 26 5.32 25.09 -30.96
N VAL A 27 4.54 24.21 -30.32
CA VAL A 27 3.24 23.77 -30.83
C VAL A 27 2.14 24.46 -30.04
N TYR A 28 1.17 25.04 -30.74
CA TYR A 28 0.05 25.73 -30.11
C TYR A 28 -1.09 24.73 -29.92
N ASP A 29 -0.97 23.96 -28.83
CA ASP A 29 -1.98 23.02 -28.41
C ASP A 29 -1.67 22.69 -26.96
N VAL A 30 -2.71 22.63 -26.12
CA VAL A 30 -2.49 22.51 -24.68
C VAL A 30 -3.70 21.87 -24.04
N MET A 31 -3.46 21.10 -22.98
CA MET A 31 -4.50 20.58 -22.12
C MET A 31 -4.17 20.95 -20.69
N LEU A 32 -5.01 21.78 -20.09
CA LEU A 32 -4.93 22.10 -18.67
C LEU A 32 -5.88 21.22 -17.88
N ASN A 33 -5.74 21.28 -16.56
CA ASN A 33 -6.55 20.48 -15.66
C ASN A 33 -6.30 20.93 -14.23
N GLN A 34 -7.37 21.03 -13.45
CA GLN A 34 -7.29 21.41 -12.05
C GLN A 34 -8.37 20.64 -11.30
N THR A 35 -8.00 20.02 -10.18
CA THR A 35 -8.94 19.33 -9.30
C THR A 35 -8.66 19.75 -7.87
N ASN A 36 -9.68 20.27 -7.18
CA ASN A 36 -9.56 20.67 -5.78
C ASN A 36 -10.74 20.08 -5.00
N LEU A 37 -10.48 18.94 -4.34
CA LEU A 37 -11.53 18.28 -3.55
C LEU A 37 -12.20 19.24 -2.59
N GLN A 38 -11.43 20.16 -2.01
CA GLN A 38 -11.99 21.14 -1.08
C GLN A 38 -13.23 21.81 -1.67
N PHE A 39 -13.14 22.27 -2.92
CA PHE A 39 -14.21 23.03 -3.56
C PHE A 39 -15.02 22.18 -4.54
N ASN A 40 -14.80 20.86 -4.56
CA ASN A 40 -15.45 19.99 -5.54
C ASN A 40 -15.18 20.47 -6.96
N ASN A 41 -13.92 20.86 -7.20
CA ASN A 41 -13.48 21.30 -8.51
C ASN A 41 -12.71 20.16 -9.18
N ASN A 42 -13.04 19.90 -10.45
CA ASN A 42 -12.41 18.85 -11.24
C ASN A 42 -12.56 19.26 -12.71
N LYS A 43 -11.82 20.30 -13.08
CA LYS A 43 -12.02 21.03 -14.33
C LYS A 43 -10.89 20.76 -15.32
N TYR A 44 -11.19 21.02 -16.59
CA TYR A 44 -10.21 20.92 -17.66
C TYR A 44 -10.38 22.11 -18.59
N TYR A 45 -9.28 22.50 -19.22
CA TYR A 45 -9.29 23.63 -20.16
C TYR A 45 -8.34 23.37 -21.33
N LEU A 46 -8.91 23.38 -22.53
CA LEU A 46 -8.21 23.05 -23.76
C LEU A 46 -8.09 24.30 -24.61
N ILE A 47 -6.89 24.57 -25.14
CA ILE A 47 -6.70 25.67 -26.07
C ILE A 47 -5.93 25.17 -27.28
N GLN A 48 -6.30 25.67 -28.45
CA GLN A 48 -5.61 25.35 -29.69
C GLN A 48 -5.58 26.59 -30.58
N LEU A 49 -4.59 26.64 -31.45
CA LEU A 49 -4.47 27.70 -32.45
C LEU A 49 -4.52 27.05 -33.83
N LEU A 50 -5.51 27.44 -34.63
CA LEU A 50 -5.86 26.72 -35.85
C LEU A 50 -5.52 27.54 -37.08
N GLU A 51 -4.97 26.85 -38.10
CA GLU A 51 -4.77 27.40 -39.43
C GLU A 51 -5.54 26.54 -40.41
N ASP A 52 -6.46 27.16 -41.16
CA ASP A 52 -7.13 26.45 -42.23
C ASP A 52 -6.11 25.89 -43.21
N ASP A 53 -6.30 24.63 -43.60
CA ASP A 53 -5.40 24.02 -44.58
C ASP A 53 -5.35 24.84 -45.87
N ALA A 54 -6.51 25.24 -46.37
CA ALA A 54 -6.58 25.87 -47.69
C ALA A 54 -5.97 27.27 -47.66
N GLN A 55 -6.50 28.15 -46.81
CA GLN A 55 -6.04 29.53 -46.76
C GLN A 55 -5.11 29.72 -45.57
N ARG A 56 -4.69 30.98 -45.36
CA ARG A 56 -3.96 31.39 -44.17
C ARG A 56 -4.89 31.92 -43.08
N ASN A 57 -6.16 31.51 -43.11
CA ASN A 57 -7.12 31.92 -42.09
C ASN A 57 -6.75 31.30 -40.74
N PHE A 58 -6.80 32.11 -39.69
CA PHE A 58 -6.42 31.70 -38.35
C PHE A 58 -7.60 31.82 -37.39
N SER A 59 -7.46 31.14 -36.25
CA SER A 59 -8.53 31.08 -35.25
C SER A 59 -8.03 30.37 -34.01
N VAL A 60 -8.59 30.72 -32.86
CA VAL A 60 -8.21 30.15 -31.57
C VAL A 60 -9.41 29.40 -31.01
N TRP A 61 -9.20 28.12 -30.70
CA TRP A 61 -10.27 27.25 -30.21
C TRP A 61 -10.09 26.97 -28.72
N MET A 62 -11.19 27.02 -27.99
CA MET A 62 -11.17 26.89 -26.53
C MET A 62 -12.32 25.97 -26.12
N ARG A 63 -11.99 24.82 -25.54
CA ARG A 63 -12.97 23.92 -24.95
C ARG A 63 -12.70 23.89 -23.44
N TRP A 64 -13.74 23.63 -22.66
CA TRP A 64 -13.56 23.57 -21.21
C TRP A 64 -14.81 23.04 -20.53
N GLY A 65 -14.62 22.53 -19.33
CA GLY A 65 -15.72 22.03 -18.52
C GLY A 65 -15.20 21.06 -17.46
N ARG A 66 -16.12 20.26 -16.93
CA ARG A 66 -15.71 19.24 -15.98
C ARG A 66 -15.15 18.01 -16.70
N VAL A 67 -14.18 17.37 -16.07
CA VAL A 67 -13.52 16.22 -16.67
C VAL A 67 -14.57 15.15 -16.98
N GLY A 68 -14.62 14.73 -18.24
CA GLY A 68 -15.58 13.76 -18.72
C GLY A 68 -16.74 14.36 -19.48
N LYS A 69 -17.14 15.58 -19.14
CA LYS A 69 -18.13 16.32 -19.91
C LYS A 69 -17.44 17.11 -21.01
N MET A 70 -18.23 17.48 -22.04
CA MET A 70 -17.69 18.24 -23.17
C MET A 70 -17.91 19.74 -23.01
N GLY A 71 -18.84 20.16 -22.17
CA GLY A 71 -18.85 21.53 -21.68
C GLY A 71 -19.17 22.59 -22.73
N GLN A 72 -18.46 23.71 -22.63
CA GLN A 72 -18.67 24.86 -23.50
C GLN A 72 -17.43 25.09 -24.35
N HIS A 73 -17.64 25.86 -25.42
CA HIS A 73 -16.57 26.12 -26.37
C HIS A 73 -16.65 27.57 -26.82
N SER A 74 -15.55 28.06 -27.39
CA SER A 74 -15.48 29.40 -27.95
C SER A 74 -14.57 29.34 -29.16
N LEU A 75 -15.11 29.65 -30.33
CA LEU A 75 -14.35 29.71 -31.57
C LEU A 75 -14.19 31.17 -31.96
N VAL A 76 -12.95 31.64 -31.97
CA VAL A 76 -12.60 33.04 -32.20
C VAL A 76 -11.91 33.13 -33.54
N ALA A 77 -12.48 33.90 -34.47
CA ALA A 77 -11.91 34.07 -35.80
C ALA A 77 -10.97 35.27 -35.82
N CYS A 78 -9.74 35.05 -36.27
CA CYS A 78 -8.73 36.10 -36.32
C CYS A 78 -8.34 36.49 -37.73
N SER A 79 -8.85 35.81 -38.74
CA SER A 79 -8.57 36.11 -40.16
C SER A 79 -7.06 35.97 -40.36
N GLY A 80 -6.42 36.86 -41.13
CA GLY A 80 -5.00 36.77 -41.37
C GLY A 80 -4.12 37.36 -40.29
N ASN A 81 -4.70 37.88 -39.21
CA ASN A 81 -3.91 38.54 -38.17
C ASN A 81 -3.41 37.49 -37.17
N LEU A 82 -2.46 36.68 -37.65
CA LEU A 82 -1.85 35.69 -36.78
C LEU A 82 -1.29 36.34 -35.52
N ASN A 83 -0.62 37.49 -35.68
CA ASN A 83 -0.09 38.19 -34.52
C ASN A 83 -1.13 38.32 -33.42
N LYS A 84 -2.40 38.50 -33.80
CA LYS A 84 -3.47 38.60 -32.82
C LYS A 84 -3.76 37.24 -32.18
N ALA A 85 -3.86 36.20 -33.01
CA ALA A 85 -4.20 34.88 -32.49
C ALA A 85 -3.23 34.45 -31.37
N LYS A 86 -1.94 34.69 -31.57
CA LYS A 86 -0.96 34.29 -30.57
C LYS A 86 -1.14 35.08 -29.28
N GLU A 87 -1.62 36.32 -29.37
CA GLU A 87 -2.01 37.05 -28.16
C GLU A 87 -3.15 36.32 -27.44
N ILE A 88 -4.26 36.09 -28.15
CA ILE A 88 -5.42 35.44 -27.55
C ILE A 88 -5.01 34.12 -26.90
N PHE A 89 -4.33 33.26 -27.66
CA PHE A 89 -3.86 31.99 -27.11
C PHE A 89 -3.05 32.22 -25.85
N GLN A 90 -2.00 33.03 -25.96
CA GLN A 90 -1.13 33.23 -24.80
C GLN A 90 -1.82 34.03 -23.71
N LYS A 91 -2.77 34.89 -24.06
CA LYS A 91 -3.54 35.61 -23.05
C LYS A 91 -4.36 34.64 -22.21
N LYS A 92 -5.18 33.81 -22.86
CA LYS A 92 -5.95 32.82 -22.11
C LYS A 92 -5.02 31.90 -21.31
N PHE A 93 -3.87 31.55 -21.89
CA PHE A 93 -2.96 30.63 -21.19
C PHE A 93 -2.42 31.28 -19.93
N LEU A 94 -2.02 32.56 -20.01
CA LEU A 94 -1.58 33.27 -18.82
C LEU A 94 -2.73 33.41 -17.83
N ASP A 95 -3.94 33.66 -18.35
CA ASP A 95 -5.10 33.85 -17.48
C ASP A 95 -5.31 32.66 -16.54
N LYS A 96 -5.19 31.45 -17.06
CA LYS A 96 -5.59 30.28 -16.29
C LYS A 96 -4.42 29.53 -15.67
N THR A 97 -3.22 29.67 -16.22
CA THR A 97 -2.04 29.02 -15.66
C THR A 97 -1.24 29.92 -14.75
N LYS A 98 -1.28 31.24 -14.97
CA LYS A 98 -0.40 32.17 -14.28
C LYS A 98 1.07 31.83 -14.58
N ASN A 99 1.30 31.20 -15.73
CA ASN A 99 2.63 30.91 -16.26
C ASN A 99 2.67 31.45 -17.69
N ASN A 100 3.72 32.16 -18.04
CA ASN A 100 3.80 32.69 -19.39
C ASN A 100 3.99 31.55 -20.39
N TRP A 101 3.52 31.79 -21.62
CA TRP A 101 3.62 30.77 -22.66
C TRP A 101 5.06 30.59 -23.14
N GLU A 102 5.91 31.62 -23.02
CA GLU A 102 7.28 31.51 -23.51
C GLU A 102 8.17 30.73 -22.54
N ASP A 103 7.91 30.83 -21.24
CA ASP A 103 8.61 30.03 -20.23
C ASP A 103 7.72 28.90 -19.73
N ARG A 104 6.98 28.25 -20.63
CA ARG A 104 6.18 27.09 -20.25
C ARG A 104 7.06 25.89 -19.95
N GLU A 105 8.24 25.80 -20.57
CA GLU A 105 9.19 24.75 -20.23
C GLU A 105 9.43 24.69 -18.73
N LYS A 106 9.49 25.86 -18.08
CA LYS A 106 9.59 25.93 -16.63
C LYS A 106 8.22 26.24 -16.04
N PHE A 107 7.34 25.23 -16.11
CA PHE A 107 5.98 25.41 -15.62
C PHE A 107 5.92 25.16 -14.11
N GLU A 108 4.99 25.86 -13.47
CA GLU A 108 4.84 25.80 -12.02
C GLU A 108 3.36 25.97 -11.70
N LYS A 109 2.73 24.92 -11.19
CA LYS A 109 1.31 24.95 -10.91
C LYS A 109 1.03 25.90 -9.75
N VAL A 110 0.05 26.78 -9.92
CA VAL A 110 -0.34 27.75 -8.91
C VAL A 110 -1.61 27.25 -8.24
N PRO A 111 -1.71 27.28 -6.90
CA PRO A 111 -2.94 26.83 -6.24
C PRO A 111 -4.11 27.74 -6.59
N GLY A 112 -5.22 27.12 -7.00
CA GLY A 112 -6.34 27.86 -7.53
C GLY A 112 -6.24 28.20 -8.99
N LYS A 113 -5.20 27.73 -9.68
CA LYS A 113 -5.04 27.85 -11.12
C LYS A 113 -4.79 26.45 -11.70
N TYR A 114 -4.70 26.38 -13.01
CA TYR A 114 -4.67 25.10 -13.71
C TYR A 114 -3.24 24.60 -13.91
N ASP A 115 -3.03 23.31 -13.63
CA ASP A 115 -1.82 22.62 -14.05
C ASP A 115 -1.83 22.42 -15.57
N MET A 116 -0.64 22.20 -16.13
CA MET A 116 -0.50 21.85 -17.53
C MET A 116 -0.20 20.36 -17.65
N LEU A 117 -0.58 19.78 -18.78
CA LEU A 117 -0.48 18.34 -18.99
C LEU A 117 0.19 18.07 -20.33
N GLN A 118 1.17 17.18 -20.32
CA GLN A 118 1.83 16.74 -21.55
C GLN A 118 1.02 15.58 -22.09
N MET A 119 0.35 15.80 -23.22
CA MET A 119 -0.49 14.79 -23.84
C MET A 119 0.32 14.00 -24.85
N ASP A 120 -0.04 12.73 -25.00
CA ASP A 120 0.57 11.86 -26.00
C ASP A 120 -0.28 11.92 -27.27
N TYR A 121 0.18 12.67 -28.26
CA TYR A 121 -0.48 12.74 -29.56
C TYR A 121 0.21 11.71 -30.47
N ALA A 122 -0.35 10.50 -30.51
CA ALA A 122 0.18 9.44 -31.36
C ALA A 122 -0.83 8.32 -31.56
N GLU A 144 6.97 -22.32 -16.83
CA GLU A 144 8.19 -21.58 -16.53
C GLU A 144 8.35 -21.34 -15.03
N SER A 145 7.99 -22.35 -14.22
CA SER A 145 8.08 -22.27 -12.77
C SER A 145 9.47 -22.66 -12.28
N GLN A 146 10.11 -21.77 -11.52
CA GLN A 146 11.40 -22.05 -10.90
C GLN A 146 11.28 -22.32 -9.40
N LEU A 147 10.07 -22.55 -8.91
CA LEU A 147 9.80 -22.65 -7.48
C LEU A 147 8.92 -23.86 -7.20
N ASP A 148 9.16 -24.50 -6.05
CA ASP A 148 8.36 -25.64 -5.63
C ASP A 148 6.88 -25.27 -5.64
N LEU A 149 6.04 -26.23 -6.05
CA LEU A 149 4.61 -25.98 -6.12
C LEU A 149 4.02 -25.49 -4.80
N ARG A 150 4.66 -25.79 -3.66
CA ARG A 150 4.17 -25.32 -2.38
C ARG A 150 4.48 -23.84 -2.17
N VAL A 151 5.67 -23.39 -2.59
CA VAL A 151 5.99 -21.97 -2.52
C VAL A 151 5.20 -21.17 -3.56
N GLN A 152 4.77 -21.81 -4.64
CA GLN A 152 4.05 -21.07 -5.66
C GLN A 152 2.61 -20.79 -5.24
N GLU A 153 1.91 -21.79 -4.68
CA GLU A 153 0.61 -21.51 -4.11
C GLU A 153 0.69 -20.62 -2.88
N LEU A 154 1.90 -20.28 -2.42
CA LEU A 154 2.08 -19.36 -1.31
C LEU A 154 2.17 -17.92 -1.80
N ILE A 155 3.07 -17.66 -2.74
CA ILE A 155 3.17 -16.32 -3.33
C ILE A 155 1.85 -15.94 -4.00
N LYS A 156 1.16 -16.92 -4.59
CA LYS A 156 -0.16 -16.67 -5.17
C LYS A 156 -1.12 -16.09 -4.12
N LEU A 157 -0.99 -16.50 -2.86
CA LEU A 157 -1.84 -15.95 -1.81
C LEU A 157 -1.29 -14.64 -1.26
N ILE A 158 0.03 -14.52 -1.18
CA ILE A 158 0.64 -13.35 -0.57
C ILE A 158 0.47 -12.11 -1.45
N CYS A 159 0.37 -12.29 -2.76
CA CYS A 159 0.28 -11.19 -3.71
C CYS A 159 -1.09 -11.07 -4.36
N ASN A 160 -2.05 -11.89 -3.96
CA ASN A 160 -3.42 -11.77 -4.45
C ASN A 160 -3.46 -11.82 -5.98
N VAL A 161 -2.75 -12.81 -6.53
CA VAL A 161 -2.53 -12.84 -7.98
C VAL A 161 -3.85 -12.86 -8.74
N GLN A 162 -4.77 -13.75 -8.37
CA GLN A 162 -6.04 -13.81 -9.08
C GLN A 162 -6.74 -12.46 -9.07
N ALA A 163 -6.49 -11.63 -8.06
CA ALA A 163 -7.08 -10.30 -8.01
C ALA A 163 -6.33 -9.34 -8.93
N MET A 164 -5.03 -9.21 -8.72
CA MET A 164 -4.25 -8.29 -9.53
C MET A 164 -4.36 -8.59 -11.02
N GLU A 165 -4.84 -9.77 -11.40
CA GLU A 165 -5.08 -10.09 -12.80
C GLU A 165 -6.47 -9.65 -13.23
N GLU A 166 -7.50 -10.17 -12.59
CA GLU A 166 -8.86 -9.80 -12.97
C GLU A 166 -9.10 -8.30 -12.82
N MET A 167 -8.26 -7.60 -12.05
CA MET A 167 -8.34 -6.16 -11.93
C MET A 167 -7.45 -5.45 -12.96
N MET A 168 -6.23 -5.95 -13.17
CA MET A 168 -5.40 -5.43 -14.25
C MET A 168 -6.16 -5.46 -15.57
N MET A 169 -6.94 -6.53 -15.79
CA MET A 169 -7.78 -6.58 -16.99
C MET A 169 -8.87 -5.52 -16.96
N GLU A 170 -9.52 -5.35 -15.81
CA GLU A 170 -10.60 -4.38 -15.71
C GLU A 170 -10.12 -2.97 -16.06
N MET A 171 -8.84 -2.67 -15.83
CA MET A 171 -8.29 -1.40 -16.30
C MET A 171 -8.13 -1.38 -17.81
N LYS A 172 -7.57 -2.47 -18.37
CA LYS A 172 -7.36 -2.53 -19.81
C LYS A 172 -8.64 -2.26 -20.60
N TYR A 173 -9.81 -2.47 -19.99
CA TYR A 173 -11.08 -2.31 -20.68
C TYR A 173 -11.94 -1.26 -19.99
N ASN A 174 -11.30 -0.25 -19.39
CA ASN A 174 -11.99 0.88 -18.78
C ASN A 174 -11.74 2.10 -19.66
N THR A 175 -12.81 2.60 -20.29
CA THR A 175 -12.66 3.71 -21.22
C THR A 175 -12.41 5.02 -20.48
N LYS A 176 -13.08 5.22 -19.33
CA LYS A 176 -12.92 6.45 -18.56
C LYS A 176 -11.51 6.64 -18.03
N LYS A 177 -10.62 5.68 -18.29
CA LYS A 177 -9.24 5.78 -17.85
C LYS A 177 -8.64 7.14 -18.21
N ALA A 178 -8.63 7.48 -19.50
CA ALA A 178 -7.99 8.70 -20.02
C ALA A 178 -9.04 9.58 -20.67
N PRO A 179 -9.78 10.36 -19.89
CA PRO A 179 -10.85 11.18 -20.47
C PRO A 179 -10.33 12.36 -21.28
N LEU A 180 -9.09 12.79 -21.03
CA LEU A 180 -8.48 13.88 -21.78
C LEU A 180 -7.55 13.40 -22.88
N GLY A 181 -7.19 12.13 -22.87
CA GLY A 181 -6.36 11.55 -23.92
C GLY A 181 -5.19 10.78 -23.34
N LYS A 182 -4.52 10.06 -24.24
CA LYS A 182 -3.32 9.32 -23.86
C LYS A 182 -2.28 10.26 -23.29
N LEU A 183 -1.82 9.95 -22.09
CA LEU A 183 -0.79 10.75 -21.45
C LEU A 183 0.60 10.28 -21.92
N THR A 184 1.59 11.11 -21.66
CA THR A 184 2.96 10.79 -22.03
C THR A 184 3.68 10.12 -20.87
N VAL A 185 4.71 9.36 -21.21
CA VAL A 185 5.53 8.68 -20.21
C VAL A 185 5.96 9.67 -19.14
N ALA A 186 6.40 10.86 -19.56
CA ALA A 186 6.76 11.90 -18.60
C ALA A 186 5.58 12.26 -17.72
N GLN A 187 4.42 12.51 -18.33
CA GLN A 187 3.24 12.90 -17.56
C GLN A 187 2.95 11.87 -16.46
N ILE A 188 2.97 10.59 -16.83
CA ILE A 188 2.66 9.54 -15.85
C ILE A 188 3.73 9.48 -14.77
N LYS A 189 5.00 9.67 -15.14
CA LYS A 189 6.06 9.77 -14.15
C LYS A 189 5.67 10.74 -13.05
N ALA A 190 5.10 11.89 -13.43
CA ALA A 190 4.58 12.82 -12.43
C ALA A 190 3.40 12.22 -11.68
N GLY A 191 2.68 11.30 -12.31
CA GLY A 191 1.62 10.59 -11.61
C GLY A 191 2.14 9.79 -10.45
N TYR A 192 3.30 9.16 -10.62
CA TYR A 192 3.90 8.38 -9.53
C TYR A 192 4.43 9.30 -8.42
N GLN A 193 5.00 10.45 -8.77
CA GLN A 193 5.44 11.39 -7.75
C GLN A 193 4.28 11.74 -6.82
N SER A 194 3.18 12.24 -7.39
CA SER A 194 2.07 12.67 -6.56
C SER A 194 1.35 11.49 -5.92
N LEU A 195 1.40 10.32 -6.55
CA LEU A 195 0.86 9.13 -5.91
C LEU A 195 1.70 8.76 -4.68
N LYS A 196 3.02 8.80 -4.83
CA LYS A 196 3.90 8.51 -3.69
C LYS A 196 3.82 9.59 -2.63
N LYS A 197 3.56 10.85 -3.02
CA LYS A 197 3.28 11.87 -2.03
C LYS A 197 2.16 11.42 -1.10
N ILE A 198 1.14 10.78 -1.65
CA ILE A 198 0.08 10.21 -0.82
C ILE A 198 0.59 8.99 -0.06
N GLU A 199 1.30 8.10 -0.76
CA GLU A 199 1.85 6.89 -0.15
C GLU A 199 2.65 7.22 1.11
N ASP A 200 3.36 8.34 1.09
CA ASP A 200 4.27 8.64 2.20
C ASP A 200 3.53 9.21 3.40
N CYS A 201 2.55 10.09 3.18
CA CYS A 201 1.79 10.61 4.31
C CYS A 201 0.69 9.66 4.76
N ILE A 202 0.49 8.53 4.07
CA ILE A 202 -0.33 7.45 4.58
C ILE A 202 0.53 6.34 5.19
N ARG A 203 1.70 6.07 4.61
CA ARG A 203 2.69 5.26 5.32
C ARG A 203 3.24 5.99 6.53
N ALA A 204 3.02 7.30 6.62
CA ALA A 204 3.13 8.02 7.89
C ALA A 204 1.83 7.88 8.68
N GLY A 205 0.70 7.92 7.99
CA GLY A 205 -0.61 7.79 8.61
C GLY A 205 -1.34 9.10 8.81
N GLN A 206 -0.67 10.23 8.60
CA GLN A 206 -1.27 11.53 8.87
C GLN A 206 -2.34 11.85 7.82
N HIS A 207 -3.59 11.96 8.26
CA HIS A 207 -4.66 12.53 7.46
C HIS A 207 -4.92 13.99 7.84
N GLY A 208 -3.91 14.66 8.40
CA GLY A 208 -4.07 16.00 8.92
C GLY A 208 -4.07 17.08 7.86
N ARG A 209 -4.97 16.95 6.89
CA ARG A 209 -5.22 17.91 5.80
C ARG A 209 -4.10 17.94 4.77
N ALA A 210 -3.01 17.19 4.98
CA ALA A 210 -2.00 17.05 3.93
C ALA A 210 -2.37 15.96 2.94
N LEU A 211 -3.35 15.11 3.28
CA LEU A 211 -3.89 14.17 2.31
C LEU A 211 -4.62 14.89 1.18
N MET A 212 -5.32 15.98 1.51
CA MET A 212 -5.92 16.81 0.47
C MET A 212 -4.85 17.46 -0.40
N GLU A 213 -3.88 18.14 0.23
CA GLU A 213 -2.82 18.79 -0.52
C GLU A 213 -2.24 17.87 -1.60
N ALA A 214 -2.00 16.61 -1.24
CA ALA A 214 -1.31 15.68 -2.14
C ALA A 214 -2.26 15.00 -3.12
N CYS A 215 -3.43 14.56 -2.66
CA CYS A 215 -4.37 13.91 -3.57
C CYS A 215 -4.79 14.85 -4.69
N ASN A 216 -5.14 16.09 -4.36
CA ASN A 216 -5.48 17.06 -5.41
C ASN A 216 -4.44 17.07 -6.51
N GLU A 217 -3.16 16.92 -6.15
CA GLU A 217 -2.10 16.97 -7.15
C GLU A 217 -2.11 15.74 -8.04
N PHE A 218 -2.55 14.59 -7.51
CA PHE A 218 -2.59 13.38 -8.32
C PHE A 218 -3.76 13.41 -9.29
N TYR A 219 -4.94 13.77 -8.80
CA TYR A 219 -6.09 13.93 -9.67
C TYR A 219 -5.85 15.03 -10.70
N THR A 220 -5.15 16.10 -10.29
CA THR A 220 -4.83 17.16 -11.22
C THR A 220 -3.91 16.64 -12.32
N ARG A 221 -2.77 16.09 -11.94
CA ARG A 221 -1.81 15.59 -12.92
C ARG A 221 -2.32 14.37 -13.65
N ILE A 222 -3.27 13.63 -13.06
CA ILE A 222 -3.82 12.44 -13.69
C ILE A 222 -5.33 12.59 -13.73
N PRO A 223 -5.91 13.02 -14.85
CA PRO A 223 -7.34 13.33 -14.87
C PRO A 223 -8.18 12.12 -14.52
N HIS A 224 -9.29 12.38 -13.84
CA HIS A 224 -10.27 11.37 -13.47
C HIS A 224 -11.66 11.89 -13.79
N ASP A 225 -12.53 10.99 -14.25
CA ASP A 225 -13.94 11.30 -14.48
C ASP A 225 -14.73 10.78 -13.28
N PHE A 226 -15.15 11.69 -12.42
CA PHE A 226 -16.05 11.38 -11.31
C PHE A 226 -17.48 11.77 -11.61
N GLY A 227 -17.81 12.04 -12.87
CA GLY A 227 -19.05 12.75 -13.12
C GLY A 227 -19.03 14.01 -12.31
N LEU A 228 -20.13 14.28 -11.60
CA LEU A 228 -20.19 15.39 -10.65
C LEU A 228 -20.01 14.94 -9.21
N ARG A 229 -19.79 13.65 -8.97
CA ARG A 229 -19.59 13.18 -7.62
C ARG A 229 -18.25 13.68 -7.09
N THR A 230 -18.26 14.18 -5.86
CA THR A 230 -17.08 14.77 -5.26
C THR A 230 -15.97 13.72 -5.17
N PRO A 231 -14.74 14.03 -5.59
CA PRO A 231 -13.71 12.97 -5.67
C PRO A 231 -13.32 12.46 -4.31
N PRO A 232 -12.86 11.22 -4.22
CA PRO A 232 -12.60 10.62 -2.91
C PRO A 232 -11.23 11.00 -2.34
N LEU A 233 -11.12 10.84 -1.03
CA LEU A 233 -9.84 10.85 -0.34
C LEU A 233 -9.30 9.43 -0.34
N ILE A 234 -8.14 9.24 -0.94
CA ILE A 234 -7.56 7.91 -1.11
C ILE A 234 -6.77 7.60 0.15
N ARG A 235 -7.33 6.74 0.99
CA ARG A 235 -6.76 6.43 2.30
C ARG A 235 -6.29 5.00 2.43
N THR A 236 -7.15 4.02 2.15
CA THR A 236 -6.77 2.62 2.34
C THR A 236 -5.58 2.26 1.46
N GLN A 237 -4.86 1.21 1.88
CA GLN A 237 -3.74 0.72 1.08
C GLN A 237 -4.21 0.05 -0.20
N LYS A 238 -5.45 -0.45 -0.22
CA LYS A 238 -5.97 -1.06 -1.44
C LYS A 238 -6.11 -0.03 -2.55
N GLU A 239 -6.78 1.09 -2.26
CA GLU A 239 -6.92 2.16 -3.23
C GLU A 239 -5.58 2.52 -3.86
N LEU A 240 -4.51 2.53 -3.05
CA LEU A 240 -3.18 2.80 -3.58
C LEU A 240 -2.80 1.81 -4.66
N SER A 241 -3.23 0.56 -4.53
CA SER A 241 -2.91 -0.45 -5.54
C SER A 241 -3.63 -0.16 -6.84
N GLU A 242 -4.95 0.01 -6.78
CA GLU A 242 -5.75 0.30 -7.96
C GLU A 242 -5.08 1.37 -8.82
N LYS A 243 -4.58 2.42 -8.18
CA LYS A 243 -3.88 3.47 -8.92
C LYS A 243 -2.64 2.93 -9.60
N ILE A 244 -1.81 2.19 -8.85
CA ILE A 244 -0.62 1.59 -9.44
C ILE A 244 -1.00 0.82 -10.71
N GLN A 245 -2.02 -0.03 -10.60
CA GLN A 245 -2.50 -0.75 -11.78
C GLN A 245 -2.99 0.23 -12.85
N LEU A 246 -3.65 1.30 -12.42
CA LEU A 246 -4.07 2.34 -13.36
C LEU A 246 -2.87 2.91 -14.11
N LEU A 247 -1.93 3.50 -13.37
CA LEU A 247 -0.75 4.08 -13.99
C LEU A 247 -0.04 3.08 -14.88
N GLU A 248 0.09 1.83 -14.41
CA GLU A 248 0.67 0.78 -15.23
C GLU A 248 -0.18 0.53 -16.47
N ALA A 249 -1.51 0.61 -16.33
CA ALA A 249 -2.42 0.47 -17.45
C ALA A 249 -2.32 1.61 -18.44
N LEU A 250 -1.50 2.62 -18.17
CA LEU A 250 -1.23 3.70 -19.10
C LEU A 250 0.13 3.58 -19.77
N GLY A 251 1.08 2.86 -19.16
CA GLY A 251 2.39 2.67 -19.75
C GLY A 251 2.40 1.55 -20.78
N GLU A 268 12.13 -14.90 -16.21
CA GLU A 268 11.58 -14.19 -15.05
C GLU A 268 10.07 -14.35 -14.97
N HIS A 269 9.61 -15.53 -14.60
CA HIS A 269 8.18 -15.74 -14.37
C HIS A 269 7.68 -14.72 -13.36
N PRO A 270 6.44 -14.22 -13.50
CA PRO A 270 5.94 -13.22 -12.55
C PRO A 270 6.12 -13.65 -11.10
N LEU A 271 5.56 -14.82 -10.76
CA LEU A 271 5.68 -15.33 -9.39
C LEU A 271 7.13 -15.39 -8.94
N ASP A 272 8.04 -15.83 -9.82
CA ASP A 272 9.43 -16.01 -9.43
C ASP A 272 10.10 -14.69 -9.08
N GLN A 273 9.80 -13.63 -9.83
CA GLN A 273 10.40 -12.33 -9.54
C GLN A 273 9.65 -11.54 -8.47
N HIS A 274 8.44 -11.97 -8.11
CA HIS A 274 7.83 -11.49 -6.87
C HIS A 274 8.64 -11.96 -5.67
N TYR A 275 8.85 -13.27 -5.57
CA TYR A 275 9.69 -13.86 -4.53
C TYR A 275 11.00 -13.10 -4.36
N ARG A 276 11.64 -12.74 -5.47
CA ARG A 276 12.95 -12.10 -5.40
C ARG A 276 12.90 -10.83 -4.58
N ASN A 277 11.92 -9.95 -4.86
CA ASN A 277 11.86 -8.65 -4.22
C ASN A 277 11.76 -8.77 -2.70
N LEU A 278 11.07 -9.81 -2.22
CA LEU A 278 10.96 -10.02 -0.78
C LEU A 278 12.33 -10.13 -0.13
N HIS A 279 13.33 -10.61 -0.88
CA HIS A 279 14.67 -10.83 -0.34
C HIS A 279 14.61 -11.68 0.92
N CYS A 280 13.68 -12.62 0.92
CA CYS A 280 13.50 -13.58 1.99
C CYS A 280 13.33 -14.96 1.35
N ALA A 281 13.80 -15.99 2.06
CA ALA A 281 13.86 -17.34 1.54
C ALA A 281 12.85 -18.21 2.29
N LEU A 282 11.95 -18.85 1.54
CA LEU A 282 10.89 -19.68 2.11
C LEU A 282 10.95 -21.06 1.49
N ARG A 283 11.15 -22.08 2.31
CA ARG A 283 11.42 -23.43 1.85
C ARG A 283 10.40 -24.40 2.43
N PRO A 284 9.74 -25.22 1.60
CA PRO A 284 8.83 -26.22 2.16
C PRO A 284 9.52 -27.10 3.18
N LEU A 285 8.72 -27.75 4.01
CA LEU A 285 9.22 -28.68 5.02
C LEU A 285 8.36 -29.93 5.04
N ASP A 286 9.01 -31.06 5.29
CA ASP A 286 8.34 -32.35 5.24
C ASP A 286 7.42 -32.50 6.44
N HIS A 287 6.24 -33.07 6.20
CA HIS A 287 5.24 -33.23 7.25
C HIS A 287 5.63 -34.24 8.30
N GLU A 288 6.78 -34.92 8.15
CA GLU A 288 7.30 -35.80 9.19
C GLU A 288 8.66 -35.37 9.70
N SER A 289 9.27 -34.33 9.13
CA SER A 289 10.52 -33.81 9.66
C SER A 289 10.33 -33.38 11.12
N TYR A 290 11.43 -33.41 11.87
CA TYR A 290 11.35 -33.10 13.30
C TYR A 290 10.72 -31.73 13.55
N GLU A 291 10.98 -30.76 12.67
CA GLU A 291 10.45 -29.42 12.89
C GLU A 291 8.94 -29.40 12.75
N PHE A 292 8.42 -29.94 11.64
CA PHE A 292 6.97 -30.02 11.47
C PHE A 292 6.32 -30.70 12.65
N LYS A 293 6.93 -31.76 13.17
CA LYS A 293 6.31 -32.45 14.29
C LYS A 293 6.21 -31.54 15.50
N VAL A 294 7.24 -30.73 15.74
CA VAL A 294 7.27 -29.92 16.95
C VAL A 294 6.51 -28.63 16.74
N ILE A 295 6.56 -28.08 15.53
CA ILE A 295 5.81 -26.86 15.27
C ILE A 295 4.31 -27.14 15.23
N SER A 296 3.92 -28.30 14.71
CA SER A 296 2.55 -28.73 14.89
C SER A 296 2.20 -28.78 16.37
N GLN A 297 2.83 -29.69 17.12
CA GLN A 297 2.56 -29.83 18.53
C GLN A 297 2.46 -28.47 19.24
N TYR A 298 3.33 -27.54 18.85
CA TYR A 298 3.31 -26.20 19.44
C TYR A 298 2.03 -25.47 19.05
N LEU A 299 1.74 -25.44 17.75
CA LEU A 299 0.51 -24.81 17.28
C LEU A 299 -0.73 -25.41 17.92
N GLN A 300 -0.80 -26.73 18.03
CA GLN A 300 -2.01 -27.29 18.62
C GLN A 300 -2.03 -27.10 20.14
N SER A 301 -0.98 -27.54 20.83
CA SER A 301 -0.99 -27.53 22.29
C SER A 301 -1.12 -26.14 22.88
N THR A 302 -0.85 -25.10 22.11
CA THR A 302 -0.83 -23.75 22.63
C THR A 302 -2.01 -22.94 22.11
N HIS A 303 -2.92 -23.58 21.38
CA HIS A 303 -4.21 -23.01 21.03
C HIS A 303 -5.07 -22.89 22.27
N ALA A 304 -5.41 -21.66 22.64
CA ALA A 304 -6.02 -21.37 23.93
C ALA A 304 -7.44 -21.96 24.07
N PRO A 305 -7.84 -22.25 25.31
CA PRO A 305 -9.18 -22.78 25.55
C PRO A 305 -10.28 -21.76 25.37
N THR A 306 -10.00 -20.48 25.61
CA THR A 306 -11.03 -19.47 25.43
C THR A 306 -11.19 -19.05 23.97
N HIS A 307 -10.29 -19.49 23.07
CA HIS A 307 -10.44 -19.22 21.64
C HIS A 307 -11.08 -20.42 20.94
N SER A 308 -12.24 -20.78 21.46
CA SER A 308 -12.87 -22.07 21.22
C SER A 308 -13.81 -22.05 20.02
N ASP A 309 -13.83 -20.98 19.23
CA ASP A 309 -14.71 -20.92 18.08
C ASP A 309 -14.06 -21.48 16.83
N TYR A 310 -12.86 -22.01 16.93
CA TYR A 310 -12.22 -22.57 15.74
C TYR A 310 -11.04 -23.46 16.13
N THR A 311 -10.61 -24.27 15.17
CA THR A 311 -9.38 -25.03 15.28
C THR A 311 -8.52 -24.72 14.06
N MET A 312 -7.35 -25.33 14.00
CA MET A 312 -6.39 -25.06 12.95
C MET A 312 -5.80 -26.36 12.42
N THR A 313 -5.48 -26.35 11.13
CA THR A 313 -4.94 -27.49 10.42
C THR A 313 -3.72 -26.99 9.64
N LEU A 314 -2.53 -27.39 10.06
CA LEU A 314 -1.32 -26.85 9.45
C LEU A 314 -1.20 -27.38 8.03
N LEU A 315 -1.65 -26.60 7.05
CA LEU A 315 -1.60 -27.06 5.67
C LEU A 315 -0.17 -27.30 5.24
N ASP A 316 0.69 -26.30 5.45
CA ASP A 316 2.08 -26.38 5.02
C ASP A 316 2.93 -25.61 6.01
N LEU A 317 4.22 -25.91 5.99
CA LEU A 317 5.19 -25.27 6.87
C LEU A 317 6.37 -24.83 6.03
N PHE A 318 6.84 -23.62 6.29
CA PHE A 318 7.89 -23.02 5.50
C PHE A 318 8.95 -22.45 6.42
N GLU A 319 10.20 -22.68 6.07
CA GLU A 319 11.30 -22.04 6.78
C GLU A 319 11.35 -20.57 6.37
N VAL A 320 12.04 -19.77 7.18
CA VAL A 320 12.20 -18.35 6.91
C VAL A 320 13.63 -17.95 7.17
N GLU A 321 14.28 -17.33 6.18
CA GLU A 321 15.65 -16.84 6.33
C GLU A 321 15.75 -15.53 5.56
N LYS A 322 15.86 -14.42 6.27
CA LYS A 322 15.88 -13.10 5.66
C LYS A 322 17.29 -12.51 5.68
N ASP A 323 17.63 -11.78 4.62
CA ASP A 323 18.96 -11.20 4.51
C ASP A 323 19.29 -10.33 5.72
N GLY A 324 20.57 -10.34 6.10
CA GLY A 324 21.07 -9.45 7.12
C GLY A 324 20.50 -9.65 8.52
N GLU A 325 19.54 -10.56 8.68
CA GLU A 325 18.92 -10.74 9.99
C GLU A 325 19.82 -11.56 10.92
N LYS A 326 20.38 -12.65 10.42
CA LYS A 326 21.35 -13.41 11.20
C LYS A 326 22.50 -12.53 11.66
N GLU A 327 23.10 -11.79 10.72
CA GLU A 327 24.19 -10.88 11.06
C GLU A 327 23.81 -9.93 12.18
N ALA A 328 22.57 -9.44 12.16
CA ALA A 328 22.15 -8.36 13.04
C ALA A 328 21.61 -8.82 14.39
N PHE A 329 21.38 -10.12 14.56
CA PHE A 329 20.71 -10.62 15.76
C PHE A 329 21.56 -10.34 17.01
N ARG A 330 20.87 -10.05 18.12
CA ARG A 330 21.54 -9.87 19.42
C ARG A 330 21.51 -11.22 20.15
N GLU A 331 22.32 -12.15 19.65
CA GLU A 331 22.37 -13.52 20.15
C GLU A 331 23.01 -13.63 21.52
N ASP A 332 23.56 -12.54 22.07
CA ASP A 332 24.15 -12.58 23.40
C ASP A 332 23.10 -12.63 24.50
N LEU A 333 21.85 -12.26 24.22
CA LEU A 333 20.83 -12.19 25.24
C LEU A 333 20.25 -13.57 25.54
N HIS A 334 19.99 -13.84 26.81
CA HIS A 334 19.43 -15.12 27.23
C HIS A 334 17.92 -15.11 27.03
N ASN A 335 17.24 -16.12 27.55
CA ASN A 335 15.79 -16.25 27.45
C ASN A 335 15.35 -16.03 26.00
N ARG A 336 15.95 -16.80 25.10
CA ARG A 336 15.53 -16.78 23.71
C ARG A 336 14.36 -17.72 23.55
N MET A 337 13.32 -17.25 22.89
CA MET A 337 12.10 -18.03 22.73
C MET A 337 11.66 -17.98 21.27
N LEU A 338 11.10 -19.09 20.82
CA LEU A 338 10.41 -19.15 19.53
C LEU A 338 8.94 -18.82 19.76
N LEU A 339 8.50 -17.67 19.27
CA LEU A 339 7.20 -17.10 19.63
C LEU A 339 6.38 -16.75 18.39
N TRP A 340 5.07 -16.68 18.59
CA TRP A 340 4.11 -16.51 17.50
C TRP A 340 3.92 -15.05 17.14
N HIS A 341 3.65 -14.81 15.85
CA HIS A 341 3.12 -13.51 15.40
C HIS A 341 2.21 -13.73 14.20
N GLY A 342 0.97 -13.23 14.30
CA GLY A 342 0.00 -13.35 13.23
C GLY A 342 -0.38 -11.98 12.68
N SER A 343 -1.04 -11.99 11.53
CA SER A 343 -1.46 -10.75 10.88
C SER A 343 -2.30 -11.09 9.67
N ARG A 344 -3.06 -10.10 9.20
CA ARG A 344 -3.96 -10.30 8.07
C ARG A 344 -3.19 -10.83 6.86
N MET A 345 -3.82 -11.75 6.14
CA MET A 345 -3.23 -12.23 4.90
C MET A 345 -2.76 -11.07 4.05
N SER A 346 -3.49 -9.96 4.13
CA SER A 346 -3.24 -8.78 3.32
C SER A 346 -1.87 -8.18 3.55
N ASN A 347 -1.26 -8.40 4.72
CA ASN A 347 -0.08 -7.65 5.13
C ASN A 347 1.19 -8.50 5.17
N TRP A 348 1.14 -9.76 4.78
CA TRP A 348 2.33 -10.60 4.88
C TRP A 348 3.42 -10.19 3.89
N VAL A 349 3.06 -9.54 2.79
CA VAL A 349 4.06 -9.04 1.85
C VAL A 349 5.03 -8.11 2.57
N GLY A 350 4.49 -7.05 3.18
CA GLY A 350 5.35 -6.05 3.79
C GLY A 350 6.21 -6.62 4.89
N ILE A 351 5.67 -7.58 5.66
CA ILE A 351 6.42 -8.13 6.78
C ILE A 351 7.66 -8.87 6.29
N LEU A 352 7.50 -9.70 5.26
CA LEU A 352 8.65 -10.42 4.71
C LEU A 352 9.57 -9.49 3.92
N SER A 353 9.03 -8.41 3.36
CA SER A 353 9.84 -7.55 2.51
C SER A 353 10.79 -6.70 3.34
N HIS A 354 10.26 -5.97 4.31
CA HIS A 354 11.07 -5.10 5.16
C HIS A 354 11.20 -5.64 6.58
N GLY A 355 10.69 -6.84 6.86
CA GLY A 355 10.78 -7.40 8.20
C GLY A 355 9.64 -6.95 9.09
N LEU A 356 9.76 -7.31 10.37
CA LEU A 356 8.78 -6.90 11.36
C LEU A 356 9.12 -5.49 11.84
N ARG A 357 8.29 -4.52 11.46
CA ARG A 357 8.53 -3.12 11.78
C ARG A 357 7.76 -2.73 13.04
N ILE A 358 8.02 -1.51 13.49
CA ILE A 358 7.30 -0.90 14.60
C ILE A 358 6.55 0.33 14.08
N ALA A 359 5.45 0.66 14.74
CA ALA A 359 4.63 1.82 14.39
C ALA A 359 5.52 3.04 14.19
N PRO A 360 5.22 3.91 13.23
CA PRO A 360 6.05 5.08 13.00
C PRO A 360 5.97 6.04 14.17
N PRO A 361 6.78 7.10 14.17
CA PRO A 361 6.69 8.10 15.25
C PRO A 361 5.34 8.79 15.33
N GLU A 362 4.54 8.76 14.25
CA GLU A 362 3.20 9.34 14.31
C GLU A 362 2.41 8.78 15.48
N ALA A 363 2.81 7.64 16.02
CA ALA A 363 2.34 7.15 17.30
C ALA A 363 0.82 6.99 17.32
N PRO A 364 0.26 6.09 16.52
CA PRO A 364 -1.15 5.71 16.72
C PRO A 364 -1.27 4.71 17.86
N ILE A 365 -1.04 5.20 19.08
CA ILE A 365 -0.89 4.35 20.26
C ILE A 365 -2.29 4.21 20.87
N THR A 366 -3.04 3.24 20.36
CA THR A 366 -4.38 2.94 20.85
C THR A 366 -4.47 1.53 21.38
N GLY A 367 -4.16 0.52 20.57
CA GLY A 367 -4.13 -0.85 21.01
C GLY A 367 -2.77 -1.34 21.43
N TYR A 368 -1.73 -0.52 21.28
CA TYR A 368 -0.38 -0.88 21.70
C TYR A 368 -0.29 -0.74 23.20
N MET A 369 -0.70 -1.81 23.91
CA MET A 369 -0.76 -1.77 25.37
C MET A 369 0.56 -1.34 25.99
N PHE A 370 1.68 -1.78 25.42
CA PHE A 370 2.99 -1.57 26.01
C PHE A 370 3.89 -0.76 25.07
N GLY A 371 3.33 0.28 24.46
CA GLY A 371 4.11 1.17 23.63
C GLY A 371 4.46 0.56 22.29
N LYS A 372 4.79 1.43 21.34
CA LYS A 372 5.19 0.99 20.01
C LYS A 372 6.28 -0.08 20.11
N GLY A 373 6.07 -1.20 19.41
CA GLY A 373 7.04 -2.27 19.46
C GLY A 373 6.56 -3.46 18.66
N ILE A 374 7.31 -4.55 18.77
CA ILE A 374 7.00 -5.79 18.05
C ILE A 374 6.46 -6.78 19.06
N TYR A 375 5.18 -7.13 18.92
CA TYR A 375 4.51 -8.00 19.87
C TYR A 375 4.57 -9.45 19.43
N PHE A 376 4.68 -10.35 20.41
CA PHE A 376 4.63 -11.78 20.16
C PHE A 376 3.80 -12.44 21.25
N ALA A 377 3.28 -13.62 20.93
CA ALA A 377 2.58 -14.44 21.91
C ALA A 377 3.23 -15.82 22.01
N ASP A 378 2.99 -16.46 23.15
CA ASP A 378 3.32 -17.87 23.37
C ASP A 378 2.09 -18.75 23.30
N MET A 379 0.98 -18.24 22.76
CA MET A 379 -0.18 -19.03 22.39
C MET A 379 -0.46 -18.77 20.91
N SER A 380 -0.66 -19.84 20.16
CA SER A 380 -0.87 -19.72 18.73
C SER A 380 -2.19 -19.01 18.41
N SER A 381 -3.26 -19.42 19.08
CA SER A 381 -4.57 -18.82 18.84
C SER A 381 -4.58 -17.34 19.20
N LYS A 382 -3.70 -16.89 20.09
CA LYS A 382 -3.61 -15.46 20.36
C LYS A 382 -3.21 -14.68 19.12
N SER A 383 -2.21 -15.18 18.39
CA SER A 383 -1.76 -14.51 17.19
C SER A 383 -2.59 -14.86 15.96
N ALA A 384 -3.19 -16.06 15.94
CA ALA A 384 -4.07 -16.42 14.83
C ALA A 384 -5.31 -15.54 14.78
N ASN A 385 -5.73 -15.01 15.93
CA ASN A 385 -6.86 -14.07 15.94
C ASN A 385 -6.57 -12.83 15.11
N TYR A 386 -5.32 -12.37 15.09
CA TYR A 386 -4.95 -11.20 14.30
C TYR A 386 -4.73 -11.53 12.82
N CYS A 387 -5.06 -12.73 12.37
CA CYS A 387 -5.10 -13.02 10.94
C CYS A 387 -6.40 -12.57 10.32
N PHE A 388 -7.46 -12.45 11.11
CA PHE A 388 -8.75 -11.95 10.64
C PHE A 388 -9.08 -12.59 9.31
N ALA A 389 -9.36 -13.88 9.34
CA ALA A 389 -9.74 -14.65 8.19
C ALA A 389 -11.25 -14.91 8.21
N SER A 390 -11.79 -15.28 7.06
CA SER A 390 -13.21 -15.50 6.88
C SER A 390 -13.48 -16.93 6.43
N ARG A 391 -14.70 -17.40 6.68
CA ARG A 391 -15.09 -18.73 6.24
C ARG A 391 -14.72 -18.96 4.77
N LEU A 392 -14.95 -17.97 3.91
CA LEU A 392 -14.66 -18.18 2.50
C LEU A 392 -13.16 -18.25 2.26
N LYS A 393 -12.43 -17.23 2.67
CA LYS A 393 -10.96 -17.24 2.57
C LYS A 393 -10.43 -17.55 3.96
N ASN A 394 -10.29 -18.85 4.25
CA ASN A 394 -10.07 -19.35 5.60
C ASN A 394 -8.67 -19.90 5.80
N THR A 395 -7.66 -19.27 5.21
CA THR A 395 -6.28 -19.70 5.40
C THR A 395 -5.40 -18.47 5.60
N GLY A 396 -5.04 -18.21 6.85
CA GLY A 396 -4.04 -17.24 7.18
C GLY A 396 -2.70 -17.90 7.48
N LEU A 397 -1.71 -17.05 7.75
CA LEU A 397 -0.36 -17.49 8.05
C LEU A 397 0.00 -17.10 9.49
N LEU A 398 1.03 -17.76 10.00
CA LEU A 398 1.58 -17.45 11.31
C LEU A 398 3.09 -17.43 11.25
N LEU A 399 3.69 -16.51 11.99
CA LEU A 399 5.13 -16.31 11.98
C LEU A 399 5.72 -16.75 13.32
N LEU A 400 6.29 -17.96 13.34
CA LEU A 400 7.21 -18.31 14.42
C LEU A 400 8.54 -17.61 14.20
N SER A 401 9.25 -17.35 15.29
CA SER A 401 10.30 -16.34 15.27
C SER A 401 11.13 -16.43 16.54
N GLU A 402 12.45 -16.43 16.41
CA GLU A 402 13.30 -16.45 17.60
C GLU A 402 13.37 -15.04 18.14
N VAL A 403 13.02 -14.87 19.41
CA VAL A 403 12.98 -13.55 20.04
C VAL A 403 13.94 -13.54 21.21
N ALA A 404 14.98 -12.73 21.12
CA ALA A 404 15.91 -12.55 22.22
C ALA A 404 15.23 -11.64 23.25
N LEU A 405 14.71 -12.23 24.33
CA LEU A 405 13.98 -11.44 25.31
C LEU A 405 14.93 -10.75 26.29
N GLY A 406 15.96 -11.45 26.75
CA GLY A 406 16.74 -10.92 27.85
C GLY A 406 15.96 -11.09 29.14
N GLN A 407 16.24 -10.20 30.11
CA GLN A 407 15.42 -10.13 31.30
C GLN A 407 14.11 -9.41 30.97
N CYS A 408 13.01 -9.98 31.46
CA CYS A 408 11.69 -9.47 31.17
C CYS A 408 11.24 -8.52 32.27
N ASN A 409 10.69 -7.38 31.87
CA ASN A 409 9.95 -6.51 32.77
C ASN A 409 8.48 -6.96 32.77
N GLU A 410 8.07 -7.59 33.85
CA GLU A 410 6.77 -8.25 33.93
C GLU A 410 5.76 -7.32 34.58
N LEU A 411 4.62 -7.13 33.91
CA LEU A 411 3.66 -6.10 34.27
C LEU A 411 2.26 -6.69 34.27
N LEU A 412 1.54 -6.49 35.39
CA LEU A 412 0.12 -6.83 35.43
C LEU A 412 -0.69 -5.89 34.55
N GLU A 413 -0.56 -4.59 34.79
CA GLU A 413 -1.28 -3.57 34.05
C GLU A 413 -0.44 -3.07 32.87
N ALA A 414 -1.07 -2.33 31.97
CA ALA A 414 -0.43 -1.86 30.76
C ALA A 414 0.06 -0.42 30.94
N ASN A 415 1.18 -0.11 30.28
CA ASN A 415 1.78 1.23 30.35
C ASN A 415 2.42 1.56 29.01
N PRO A 416 1.72 2.32 28.15
CA PRO A 416 2.25 2.59 26.80
C PRO A 416 3.63 3.24 26.79
N LYS A 417 4.10 3.72 27.94
CA LYS A 417 5.45 4.23 28.09
C LYS A 417 6.40 3.16 28.63
N ALA A 418 6.09 1.88 28.40
CA ALA A 418 6.83 0.79 29.04
C ALA A 418 8.26 0.69 28.53
N GLU A 419 8.51 1.05 27.26
CA GLU A 419 9.87 0.99 26.74
C GLU A 419 10.83 1.77 27.61
N GLY A 420 10.33 2.82 28.29
CA GLY A 420 11.19 3.59 29.18
C GLY A 420 11.45 2.91 30.51
N LEU A 421 10.53 2.06 30.96
CA LEU A 421 10.62 1.44 32.29
C LEU A 421 11.58 0.26 32.34
N LEU A 422 12.30 -0.03 31.25
CA LEU A 422 13.20 -1.18 31.24
C LEU A 422 14.31 -1.02 32.25
N GLN A 423 14.86 0.20 32.36
CA GLN A 423 15.95 0.48 33.30
C GLN A 423 17.07 -0.54 33.16
N GLY A 424 17.39 -0.89 31.91
CA GLY A 424 18.46 -1.81 31.60
C GLY A 424 17.99 -3.12 30.99
N LYS A 425 16.80 -3.58 31.36
CA LYS A 425 16.26 -4.79 30.77
C LYS A 425 16.06 -4.60 29.27
N HIS A 426 15.78 -5.72 28.58
CA HIS A 426 15.76 -5.75 27.12
C HIS A 426 14.41 -6.13 26.53
N SER A 427 13.43 -6.48 27.35
CA SER A 427 12.11 -6.81 26.83
C SER A 427 11.06 -6.56 27.91
N THR A 428 9.80 -6.65 27.50
CA THR A 428 8.66 -6.55 28.40
C THR A 428 7.71 -7.71 28.14
N LYS A 429 7.13 -8.22 29.21
CA LYS A 429 6.22 -9.36 29.17
C LYS A 429 4.97 -8.99 29.96
N GLY A 430 3.87 -8.76 29.24
CA GLY A 430 2.57 -8.68 29.91
C GLY A 430 2.16 -10.04 30.42
N LEU A 431 1.70 -10.08 31.66
CA LEU A 431 1.36 -11.35 32.31
C LEU A 431 -0.09 -11.71 32.04
N GLY A 432 -0.34 -13.00 31.83
CA GLY A 432 -1.66 -13.48 31.49
C GLY A 432 -2.22 -14.41 32.55
N LYS A 433 -3.55 -14.53 32.61
CA LYS A 433 -4.17 -15.50 33.49
C LYS A 433 -3.75 -16.93 33.16
N MET A 434 -3.20 -17.15 31.97
CA MET A 434 -2.84 -18.49 31.55
C MET A 434 -1.62 -18.44 30.65
N ALA A 435 -0.81 -19.49 30.74
CA ALA A 435 0.45 -19.56 30.04
C ALA A 435 0.93 -21.00 30.04
N PRO A 436 1.72 -21.41 29.05
CA PRO A 436 2.42 -22.69 29.15
C PRO A 436 3.36 -22.71 30.36
N SER A 437 3.51 -23.90 30.94
CA SER A 437 4.36 -24.11 32.09
C SER A 437 5.71 -24.69 31.67
N SER A 438 6.77 -24.27 32.34
CA SER A 438 8.13 -24.69 31.97
C SER A 438 8.32 -26.20 31.99
N ALA A 439 7.54 -26.92 32.80
CA ALA A 439 7.62 -28.37 32.83
C ALA A 439 7.50 -28.99 31.44
N HIS A 440 6.69 -28.39 30.56
CA HIS A 440 6.41 -28.99 29.26
C HIS A 440 7.24 -28.40 28.12
N PHE A 441 8.22 -27.55 28.43
CA PHE A 441 8.98 -26.87 27.39
C PHE A 441 9.97 -27.79 26.68
N VAL A 442 10.52 -27.28 25.58
CA VAL A 442 11.43 -27.98 24.71
C VAL A 442 12.28 -26.92 24.02
N THR A 443 13.38 -27.33 23.40
CA THR A 443 14.27 -26.44 22.67
C THR A 443 14.44 -26.89 21.23
N LEU A 444 14.49 -25.92 20.33
CA LEU A 444 14.65 -26.17 18.90
C LEU A 444 15.68 -25.19 18.36
N ASN A 445 16.87 -25.70 18.01
CA ASN A 445 17.96 -24.89 17.50
C ASN A 445 18.24 -23.70 18.43
N GLY A 446 18.30 -24.00 19.73
CA GLY A 446 18.75 -23.03 20.71
C GLY A 446 17.70 -22.04 21.17
N SER A 447 16.48 -22.09 20.67
CA SER A 447 15.41 -21.22 21.15
C SER A 447 14.39 -22.06 21.90
N THR A 448 13.85 -21.49 22.97
CA THR A 448 12.95 -22.22 23.84
C THR A 448 11.54 -22.23 23.26
N VAL A 449 10.99 -23.41 23.06
CA VAL A 449 9.64 -23.57 22.53
C VAL A 449 8.72 -23.84 23.71
N PRO A 450 7.75 -22.96 24.00
CA PRO A 450 6.94 -23.11 25.23
C PRO A 450 5.67 -23.93 24.99
N LEU A 451 5.87 -25.21 24.71
CA LEU A 451 4.74 -26.08 24.40
C LEU A 451 3.67 -26.05 25.48
N GLY A 452 2.41 -26.12 25.05
CA GLY A 452 1.29 -26.28 25.93
C GLY A 452 1.31 -27.63 26.61
N PRO A 453 0.25 -27.96 27.36
CA PRO A 453 -0.93 -27.12 27.59
C PRO A 453 -0.65 -25.90 28.46
N ALA A 454 -1.50 -24.89 28.31
CA ALA A 454 -1.49 -23.74 29.20
C ALA A 454 -2.17 -24.08 30.52
N SER A 455 -1.88 -23.27 31.54
CA SER A 455 -2.34 -23.53 32.89
C SER A 455 -2.56 -22.20 33.61
N ASP A 456 -3.48 -22.21 34.58
CA ASP A 456 -3.76 -20.99 35.33
C ASP A 456 -2.49 -20.47 36.00
N THR A 457 -2.29 -19.15 35.95
CA THR A 457 -1.15 -18.51 36.58
C THR A 457 -1.52 -17.75 37.85
N GLY A 458 -2.81 -17.69 38.21
CA GLY A 458 -3.23 -17.00 39.41
C GLY A 458 -2.98 -15.51 39.34
N ILE A 459 -2.59 -15.02 38.18
CA ILE A 459 -2.30 -13.61 38.00
C ILE A 459 -3.61 -12.85 37.85
N LEU A 460 -3.76 -11.81 38.66
CA LEU A 460 -4.96 -10.98 38.66
C LEU A 460 -4.50 -9.54 38.78
N ASN A 461 -5.13 -8.67 38.00
CA ASN A 461 -4.85 -7.25 38.09
C ASN A 461 -5.97 -6.59 38.88
N PRO A 462 -5.73 -6.17 40.14
CA PRO A 462 -6.83 -5.51 40.87
C PRO A 462 -7.32 -4.25 40.19
N ASP A 463 -6.39 -3.45 39.67
CA ASP A 463 -6.69 -2.16 39.04
C ASP A 463 -6.77 -2.37 37.54
N GLY A 464 -7.94 -2.78 37.06
CA GLY A 464 -8.21 -2.78 35.63
C GLY A 464 -8.18 -4.12 34.92
N TYR A 465 -7.85 -4.07 33.63
CA TYR A 465 -8.01 -5.22 32.74
C TYR A 465 -6.86 -6.20 32.93
N THR A 466 -7.21 -7.44 33.27
CA THR A 466 -6.23 -8.52 33.37
C THR A 466 -6.10 -9.20 32.02
N LEU A 467 -4.86 -9.40 31.57
CA LEU A 467 -4.62 -10.03 30.28
C LEU A 467 -4.96 -11.52 30.31
N ASN A 468 -5.53 -12.01 29.22
CA ASN A 468 -5.87 -13.43 29.14
C ASN A 468 -4.61 -14.28 29.02
N TYR A 469 -3.61 -13.78 28.30
CA TYR A 469 -2.46 -14.57 27.92
C TYR A 469 -1.24 -13.68 27.84
N ASN A 470 -0.07 -14.28 28.01
CA ASN A 470 1.17 -13.51 27.95
C ASN A 470 1.25 -12.75 26.63
N GLU A 471 2.03 -11.68 26.64
CA GLU A 471 2.22 -10.84 25.47
C GLU A 471 3.66 -10.34 25.58
N TYR A 472 4.56 -10.97 24.84
CA TYR A 472 5.96 -10.59 24.87
C TYR A 472 6.21 -9.50 23.84
N ILE A 473 7.04 -8.53 24.19
CA ILE A 473 7.30 -7.39 23.31
C ILE A 473 8.76 -6.97 23.45
N VAL A 474 9.38 -6.71 22.30
CA VAL A 474 10.72 -6.15 22.20
C VAL A 474 10.63 -4.93 21.31
N TYR A 475 11.50 -3.95 21.55
CA TYR A 475 11.45 -2.65 20.88
C TYR A 475 12.58 -2.46 19.89
N ASN A 476 13.12 -3.56 19.37
CA ASN A 476 14.25 -3.49 18.46
C ASN A 476 14.26 -4.70 17.54
N PRO A 477 14.13 -4.51 16.22
CA PRO A 477 14.08 -5.68 15.33
C PRO A 477 15.33 -6.55 15.39
N ASN A 478 16.42 -6.07 15.99
CA ASN A 478 17.62 -6.86 16.11
C ASN A 478 17.47 -8.01 17.11
N GLN A 479 16.41 -7.99 17.92
CA GLN A 479 16.09 -9.11 18.79
C GLN A 479 15.08 -10.06 18.16
N VAL A 480 15.01 -10.09 16.83
CA VAL A 480 13.98 -10.87 16.12
C VAL A 480 14.63 -11.57 14.93
N ARG A 481 14.53 -12.90 14.89
CA ARG A 481 14.96 -13.72 13.78
C ARG A 481 13.72 -14.49 13.30
N MET A 482 13.17 -14.07 12.17
CA MET A 482 12.04 -14.77 11.58
C MET A 482 12.52 -16.15 11.13
N ARG A 483 12.01 -17.19 11.77
CA ARG A 483 12.54 -18.53 11.57
C ARG A 483 11.55 -19.45 10.85
N TYR A 484 10.26 -19.41 11.17
CA TYR A 484 9.32 -20.27 10.48
C TYR A 484 8.08 -19.49 10.10
N LEU A 485 7.43 -19.96 9.04
CA LEU A 485 6.22 -19.35 8.52
C LEU A 485 5.19 -20.45 8.32
N LEU A 486 4.23 -20.54 9.22
CA LEU A 486 3.17 -21.51 9.06
C LEU A 486 2.15 -21.00 8.06
N LYS A 487 1.53 -21.95 7.36
CA LYS A 487 0.36 -21.69 6.55
C LYS A 487 -0.76 -22.53 7.13
N VAL A 488 -1.82 -21.88 7.59
CA VAL A 488 -2.80 -22.48 8.47
C VAL A 488 -4.17 -22.40 7.82
N GLN A 489 -4.97 -23.46 7.97
CA GLN A 489 -6.36 -23.50 7.56
C GLN A 489 -7.24 -23.42 8.80
N PHE A 490 -8.17 -22.47 8.78
CA PHE A 490 -9.06 -22.24 9.92
C PHE A 490 -10.37 -22.99 9.75
N ASN A 491 -10.88 -23.54 10.85
CA ASN A 491 -12.07 -24.37 10.83
C ASN A 491 -13.03 -23.82 11.87
N PHE A 492 -14.20 -23.35 11.41
CA PHE A 492 -15.12 -22.62 12.26
C PHE A 492 -16.15 -23.55 12.89
N LEU A 493 -16.42 -23.34 14.17
CA LEU A 493 -17.49 -24.07 14.84
C LEU A 493 -18.85 -23.64 14.32
N GLN A 494 -19.14 -22.33 14.36
CA GLN A 494 -20.41 -21.84 13.84
C GLN A 494 -20.55 -22.22 12.37
N LEU A 495 -21.80 -22.36 11.93
CA LEU A 495 -22.10 -22.62 10.53
C LEU A 495 -22.54 -21.37 9.78
N TRP A 496 -23.02 -20.34 10.47
CA TRP A 496 -23.34 -19.06 9.84
C TRP A 496 -23.81 -18.05 10.88
#